data_5NGH
#
_entry.id   5NGH
#
_cell.length_a   94.030
_cell.length_b   94.030
_cell.length_c   114.530
_cell.angle_alpha   90.00
_cell.angle_beta   90.00
_cell.angle_gamma   120.00
#
_symmetry.space_group_name_H-M   'P 65 2 2'
#
loop_
_entity.id
_entity.type
_entity.pdbx_description
1 polymer 'Odorant Binding Protein 3'
2 non-polymer 2-AMINO-2-HYDROXYMETHYL-PROPANE-1,3-DIOL
3 water water
#
_entity_poly.entity_id   1
_entity_poly.type   'polypeptide(L)'
_entity_poly.pdbx_seq_one_letter_code
;HEEGNDVRRNFDVSKISGYWYSVLLASDVREKTEENSSMRVFVNHIEVLSNSSLLFNMHIKVDGKCTEIALVSDKTEKDG
EYSVEYDGYNVFRIVETDYTDYIIFHLVNFKEKDSFQMMELSAREPDTSEEVRKRFVEYCQKHGIVKENIFDLTEVDRCL
QARGSEKA
;
_entity_poly.pdbx_strand_id   A
#
loop_
_chem_comp.id
_chem_comp.type
_chem_comp.name
_chem_comp.formula
TRS non-polymer 2-AMINO-2-HYDROXYMETHYL-PROPANE-1,3-DIOL 'C4 H12 N O3 1'
#
# COMPACT_ATOMS: atom_id res chain seq x y z
N GLU A 3 -10.68 -8.19 16.56
CA GLU A 3 -10.81 -9.65 16.58
C GLU A 3 -9.50 -10.36 16.16
N GLY A 4 -9.53 -11.69 16.06
CA GLY A 4 -8.44 -12.58 15.62
C GLY A 4 -7.09 -12.47 16.31
N ASN A 5 -6.07 -11.99 15.55
CA ASN A 5 -4.67 -11.83 15.98
C ASN A 5 -3.92 -10.66 15.27
N ASP A 6 -4.61 -9.52 15.06
CA ASP A 6 -4.00 -8.35 14.41
C ASP A 6 -3.10 -7.58 15.35
N VAL A 7 -1.95 -7.09 14.84
CA VAL A 7 -0.97 -6.30 15.59
C VAL A 7 -0.84 -4.92 14.93
N ARG A 8 -0.95 -3.84 15.74
CA ARG A 8 -0.86 -2.45 15.28
C ARG A 8 0.25 -1.67 16.00
N ARG A 9 0.97 -2.33 16.93
CA ARG A 9 2.01 -1.64 17.71
C ARG A 9 3.44 -1.90 17.23
N ASN A 10 4.08 -2.93 17.81
CA ASN A 10 5.45 -3.34 17.54
C ASN A 10 5.41 -4.47 16.54
N PHE A 11 6.18 -4.31 15.47
CA PHE A 11 6.15 -5.22 14.35
C PHE A 11 7.27 -6.25 14.32
N ASP A 12 7.01 -7.33 13.54
CA ASP A 12 7.92 -8.43 13.24
C ASP A 12 7.96 -8.40 11.72
N VAL A 13 8.65 -7.36 11.20
CA VAL A 13 8.85 -7.08 9.78
C VAL A 13 9.27 -8.37 9.03
N SER A 14 10.10 -9.20 9.70
CA SER A 14 10.61 -10.48 9.22
C SER A 14 9.47 -11.39 8.73
N LYS A 15 8.31 -11.35 9.42
CA LYS A 15 7.14 -12.16 9.06
C LYS A 15 6.15 -11.42 8.14
N ILE A 16 6.56 -10.26 7.63
CA ILE A 16 5.74 -9.52 6.67
C ILE A 16 6.35 -9.63 5.27
N SER A 17 7.65 -10.03 5.18
CA SER A 17 8.35 -10.21 3.89
C SER A 17 7.75 -11.41 3.16
N GLY A 18 7.23 -11.16 1.97
CA GLY A 18 6.62 -12.19 1.14
C GLY A 18 5.79 -11.64 -0.01
N TYR A 19 4.87 -12.45 -0.50
CA TYR A 19 4.04 -12.09 -1.65
C TYR A 19 2.70 -11.49 -1.21
N TRP A 20 2.52 -10.20 -1.48
CA TRP A 20 1.29 -9.45 -1.20
C TRP A 20 0.57 -9.13 -2.52
N TYR A 21 -0.71 -8.76 -2.45
CA TYR A 21 -1.53 -8.32 -3.60
C TYR A 21 -1.97 -6.86 -3.28
N SER A 22 -3.02 -6.34 -3.90
CA SER A 22 -3.48 -4.98 -3.62
C SER A 22 -4.98 -5.05 -3.79
N VAL A 23 -5.72 -4.95 -2.68
CA VAL A 23 -7.16 -5.10 -2.66
C VAL A 23 -7.84 -3.78 -2.86
N LEU A 24 -7.60 -2.81 -1.94
CA LEU A 24 -8.18 -1.47 -2.00
C LEU A 24 -7.11 -0.42 -1.90
N LEU A 25 -7.30 0.67 -2.67
CA LEU A 25 -6.41 1.84 -2.74
C LEU A 25 -7.31 3.05 -2.69
N ALA A 26 -7.06 3.95 -1.71
CA ALA A 26 -7.86 5.17 -1.51
C ALA A 26 -6.99 6.41 -1.22
N SER A 27 -7.47 7.61 -1.58
CA SER A 27 -6.79 8.90 -1.33
C SER A 27 -7.79 10.03 -1.02
N ASP A 28 -7.26 11.22 -0.62
CA ASP A 28 -8.07 12.41 -0.33
C ASP A 28 -8.66 13.00 -1.62
N VAL A 29 -7.98 12.78 -2.76
CA VAL A 29 -8.41 13.24 -4.08
C VAL A 29 -8.97 12.08 -4.91
N ARG A 30 -10.02 12.34 -5.70
CA ARG A 30 -10.66 11.35 -6.55
C ARG A 30 -9.75 10.91 -7.71
N GLU A 31 -9.05 11.88 -8.32
CA GLU A 31 -8.19 11.67 -9.47
C GLU A 31 -6.93 10.82 -9.20
N LYS A 32 -6.30 10.89 -8.01
CA LYS A 32 -5.07 10.13 -7.79
C LYS A 32 -5.29 8.60 -7.59
N THR A 33 -6.57 8.15 -7.64
CA THR A 33 -6.90 6.71 -7.56
C THR A 33 -7.40 6.20 -8.94
N GLU A 34 -7.40 7.09 -9.95
CA GLU A 34 -7.81 6.79 -11.31
C GLU A 34 -6.74 6.00 -12.08
N GLU A 35 -7.14 5.50 -13.27
CA GLU A 35 -6.33 4.66 -14.16
C GLU A 35 -4.89 5.16 -14.42
N ASN A 36 -4.72 6.33 -15.06
CA ASN A 36 -3.39 6.84 -15.43
C ASN A 36 -2.64 7.56 -14.28
N SER A 37 -3.22 7.61 -13.07
CA SER A 37 -2.60 8.27 -11.90
C SER A 37 -1.41 7.47 -11.40
N SER A 38 -0.24 8.13 -11.32
CA SER A 38 1.03 7.54 -10.88
C SER A 38 0.93 6.69 -9.60
N MET A 39 0.09 7.08 -8.67
CA MET A 39 -0.03 6.40 -7.39
C MET A 39 -0.81 5.05 -7.41
N ARG A 40 -1.29 4.63 -8.60
CA ARG A 40 -1.98 3.35 -8.73
C ARG A 40 -0.96 2.23 -9.00
N VAL A 41 -0.25 1.76 -7.96
CA VAL A 41 0.74 0.67 -8.11
C VAL A 41 0.21 -0.63 -7.46
N PHE A 42 0.69 -1.78 -7.95
CA PHE A 42 0.27 -3.07 -7.47
C PHE A 42 1.40 -3.88 -6.84
N VAL A 43 1.36 -4.04 -5.52
CA VAL A 43 2.38 -4.80 -4.79
C VAL A 43 2.48 -6.25 -5.31
N ASN A 44 3.71 -6.75 -5.46
CA ASN A 44 3.91 -8.14 -5.84
C ASN A 44 4.65 -8.80 -4.70
N HIS A 45 5.88 -8.32 -4.39
CA HIS A 45 6.70 -8.88 -3.31
C HIS A 45 7.36 -7.79 -2.46
N ILE A 46 7.63 -8.11 -1.17
CA ILE A 46 8.37 -7.27 -0.25
C ILE A 46 9.47 -8.10 0.39
N GLU A 47 10.67 -7.56 0.44
CA GLU A 47 11.80 -8.27 1.03
C GLU A 47 12.56 -7.43 2.02
N VAL A 48 12.88 -8.05 3.17
CA VAL A 48 13.66 -7.51 4.27
C VAL A 48 15.10 -7.37 3.78
N LEU A 49 15.70 -6.21 4.01
CA LEU A 49 17.07 -5.91 3.62
C LEU A 49 18.06 -6.30 4.73
N SER A 50 19.33 -5.91 4.58
CA SER A 50 20.39 -6.16 5.54
C SER A 50 20.16 -5.36 6.83
N ASN A 51 19.75 -4.11 6.65
CA ASN A 51 19.50 -3.07 7.66
C ASN A 51 18.04 -2.89 8.12
N SER A 52 17.09 -3.60 7.50
CA SER A 52 15.67 -3.58 7.78
C SER A 52 14.90 -2.47 6.94
N SER A 53 15.50 -1.99 5.82
CA SER A 53 14.84 -1.11 4.85
C SER A 53 13.96 -2.00 3.93
N LEU A 54 12.97 -1.43 3.21
CA LEU A 54 12.11 -2.32 2.45
C LEU A 54 12.14 -2.18 0.94
N LEU A 55 12.26 -3.34 0.24
CA LEU A 55 12.27 -3.40 -1.21
C LEU A 55 10.91 -3.88 -1.69
N PHE A 56 10.32 -3.11 -2.61
CA PHE A 56 8.99 -3.34 -3.12
C PHE A 56 9.00 -3.62 -4.60
N ASN A 57 8.84 -4.90 -4.99
CA ASN A 57 8.70 -5.29 -6.38
C ASN A 57 7.22 -5.10 -6.69
N MET A 58 6.93 -4.23 -7.65
CA MET A 58 5.54 -3.87 -7.97
C MET A 58 5.34 -3.44 -9.42
N HIS A 59 4.06 -3.44 -9.86
CA HIS A 59 3.70 -3.11 -11.24
C HIS A 59 2.74 -1.94 -11.37
N ILE A 60 2.94 -1.16 -12.45
CA ILE A 60 2.18 0.03 -12.87
C ILE A 60 1.86 -0.10 -14.37
N LYS A 61 0.65 0.35 -14.77
CA LYS A 61 0.21 0.33 -16.16
C LYS A 61 0.66 1.56 -16.98
N VAL A 62 1.73 1.39 -17.80
CA VAL A 62 2.29 2.38 -18.74
C VAL A 62 1.61 2.14 -20.10
N ASP A 63 0.54 2.93 -20.40
CA ASP A 63 -0.32 2.89 -21.61
C ASP A 63 -0.99 1.51 -21.86
N GLY A 64 -1.39 0.84 -20.78
CA GLY A 64 -2.02 -0.49 -20.80
C GLY A 64 -1.05 -1.66 -20.67
N LYS A 65 0.27 -1.37 -20.67
CA LYS A 65 1.35 -2.36 -20.57
C LYS A 65 1.91 -2.35 -19.16
N CYS A 66 1.92 -3.51 -18.50
CA CYS A 66 2.42 -3.64 -17.14
C CYS A 66 3.92 -3.52 -17.06
N THR A 67 4.38 -2.55 -16.25
CA THR A 67 5.79 -2.25 -16.09
C THR A 67 6.29 -2.61 -14.71
N GLU A 68 7.50 -3.21 -14.64
CA GLU A 68 8.16 -3.58 -13.39
C GLU A 68 8.74 -2.32 -12.77
N ILE A 69 8.52 -2.12 -11.45
CA ILE A 69 9.07 -1.03 -10.66
C ILE A 69 9.59 -1.55 -9.30
N ALA A 70 10.76 -1.06 -8.88
CA ALA A 70 11.39 -1.45 -7.63
C ALA A 70 11.76 -0.19 -6.85
N LEU A 71 11.34 -0.12 -5.58
CA LEU A 71 11.54 1.03 -4.72
C LEU A 71 12.06 0.62 -3.37
N VAL A 72 13.18 1.20 -2.98
CA VAL A 72 13.71 0.93 -1.67
C VAL A 72 13.27 2.06 -0.77
N SER A 73 12.56 1.71 0.31
CA SER A 73 12.05 2.67 1.28
C SER A 73 12.88 2.53 2.54
N ASP A 74 13.64 3.60 2.82
CA ASP A 74 14.57 3.72 3.94
C ASP A 74 13.83 4.05 5.23
N LYS A 75 14.15 3.31 6.30
CA LYS A 75 13.58 3.47 7.62
C LYS A 75 13.90 4.87 8.14
N THR A 76 12.98 5.48 8.92
CA THR A 76 13.17 6.84 9.45
C THR A 76 13.15 6.85 11.00
N GLU A 77 13.23 8.07 11.59
CA GLU A 77 13.23 8.40 13.02
C GLU A 77 12.15 7.62 13.78
N LYS A 78 10.88 7.86 13.41
CA LYS A 78 9.70 7.23 13.99
C LYS A 78 9.62 5.77 13.59
N ASP A 79 9.36 4.91 14.58
CA ASP A 79 9.25 3.46 14.42
C ASP A 79 8.02 3.09 13.61
N GLY A 80 8.17 2.10 12.74
CA GLY A 80 7.08 1.60 11.91
C GLY A 80 6.83 2.40 10.65
N GLU A 81 7.63 3.46 10.42
CA GLU A 81 7.46 4.27 9.21
C GLU A 81 8.72 4.34 8.37
N TYR A 82 8.52 4.30 7.06
CA TYR A 82 9.55 4.30 6.04
C TYR A 82 9.47 5.50 5.09
N SER A 83 10.56 5.79 4.36
CA SER A 83 10.64 6.92 3.43
C SER A 83 11.21 6.56 2.08
N VAL A 84 10.52 6.96 1.00
CA VAL A 84 10.91 6.68 -0.39
C VAL A 84 10.53 7.86 -1.30
N GLU A 85 11.32 8.14 -2.34
CA GLU A 85 11.02 9.23 -3.27
C GLU A 85 10.56 8.67 -4.60
N TYR A 86 9.33 9.02 -4.98
CA TYR A 86 8.63 8.59 -6.20
C TYR A 86 7.59 9.70 -6.42
N ASP A 87 7.56 10.33 -7.63
CA ASP A 87 6.65 11.45 -7.95
C ASP A 87 6.55 12.43 -6.76
N GLY A 88 7.71 12.86 -6.29
CA GLY A 88 7.85 13.70 -5.11
C GLY A 88 8.35 12.86 -3.96
N TYR A 89 8.26 13.39 -2.73
CA TYR A 89 8.73 12.72 -1.51
C TYR A 89 7.61 11.96 -0.77
N ASN A 90 7.84 10.69 -0.43
CA ASN A 90 6.81 9.91 0.26
C ASN A 90 7.21 9.42 1.63
N VAL A 91 6.29 9.58 2.59
CA VAL A 91 6.48 9.10 3.95
C VAL A 91 5.28 8.20 4.26
N PHE A 92 5.58 6.94 4.49
CA PHE A 92 4.53 5.97 4.75
C PHE A 92 4.80 5.16 6.01
N ARG A 93 3.77 4.47 6.55
CA ARG A 93 3.85 3.72 7.81
C ARG A 93 2.82 2.62 7.89
N ILE A 94 3.28 1.44 8.39
CA ILE A 94 2.44 0.25 8.58
C ILE A 94 1.44 0.54 9.70
N VAL A 95 0.16 0.70 9.32
CA VAL A 95 -0.95 0.98 10.20
C VAL A 95 -1.29 -0.22 11.11
N GLU A 96 -1.76 -1.33 10.54
CA GLU A 96 -2.02 -2.59 11.26
C GLU A 96 -1.92 -3.72 10.26
N THR A 97 -1.62 -4.93 10.76
CA THR A 97 -1.45 -6.12 9.96
C THR A 97 -1.61 -7.44 10.71
N ASP A 98 -2.23 -8.37 10.02
CA ASP A 98 -2.36 -9.76 10.39
C ASP A 98 -1.51 -10.33 9.30
N TYR A 99 -0.24 -10.59 9.61
CA TYR A 99 0.78 -11.09 8.68
C TYR A 99 0.36 -12.21 7.73
N THR A 100 -0.64 -13.02 8.11
CA THR A 100 -1.11 -14.15 7.31
C THR A 100 -2.38 -13.82 6.50
N ASP A 101 -2.93 -12.59 6.58
CA ASP A 101 -4.14 -12.23 5.84
C ASP A 101 -4.13 -10.84 5.21
N TYR A 102 -3.80 -9.79 5.98
CA TYR A 102 -3.84 -8.41 5.44
C TYR A 102 -2.79 -7.47 6.01
N ILE A 103 -2.75 -6.25 5.47
CA ILE A 103 -1.86 -5.16 5.87
C ILE A 103 -2.42 -3.83 5.35
N ILE A 104 -2.38 -2.80 6.22
CA ILE A 104 -2.83 -1.46 5.89
C ILE A 104 -1.61 -0.57 5.88
N PHE A 105 -1.53 0.35 4.90
CA PHE A 105 -0.42 1.30 4.72
C PHE A 105 -0.99 2.67 4.56
N HIS A 106 -0.35 3.65 5.22
CA HIS A 106 -0.69 5.06 5.09
C HIS A 106 0.54 5.77 4.51
N LEU A 107 0.31 6.68 3.56
CA LEU A 107 1.36 7.39 2.85
C LEU A 107 1.02 8.84 2.59
N VAL A 108 1.95 9.73 2.92
CA VAL A 108 1.82 11.16 2.60
C VAL A 108 2.87 11.41 1.49
N ASN A 109 2.45 12.07 0.39
CA ASN A 109 3.38 12.41 -0.69
C ASN A 109 3.57 13.93 -0.73
N PHE A 110 4.73 14.35 -0.20
CA PHE A 110 5.17 15.73 -0.11
C PHE A 110 5.69 16.19 -1.49
N LYS A 111 4.77 16.44 -2.44
CA LYS A 111 5.09 16.99 -3.75
C LYS A 111 5.38 18.47 -3.44
N GLU A 112 6.22 19.15 -4.23
CA GLU A 112 6.53 20.54 -3.89
C GLU A 112 5.29 21.47 -3.98
N LYS A 113 4.96 22.09 -2.82
CA LYS A 113 3.86 23.01 -2.52
C LYS A 113 2.46 22.33 -2.31
N ASP A 114 2.33 21.01 -2.49
CA ASP A 114 1.06 20.31 -2.26
C ASP A 114 1.18 18.91 -1.61
N SER A 115 0.22 18.52 -0.75
CA SER A 115 0.26 17.22 -0.06
C SER A 115 -0.99 16.35 -0.18
N PHE A 116 -0.75 15.04 -0.42
CA PHE A 116 -1.79 14.02 -0.54
C PHE A 116 -1.44 12.78 0.29
N GLN A 117 -2.44 12.29 1.01
CA GLN A 117 -2.36 11.08 1.81
C GLN A 117 -3.10 9.95 1.10
N MET A 118 -2.57 8.75 1.23
CA MET A 118 -3.09 7.56 0.60
C MET A 118 -2.99 6.38 1.46
N MET A 119 -3.94 5.46 1.31
CA MET A 119 -3.95 4.24 2.12
C MET A 119 -4.23 3.04 1.26
N GLU A 120 -3.45 1.98 1.48
CA GLU A 120 -3.63 0.79 0.70
C GLU A 120 -3.78 -0.45 1.57
N LEU A 121 -4.68 -1.35 1.12
CA LEU A 121 -4.94 -2.65 1.72
C LEU A 121 -4.38 -3.69 0.74
N SER A 122 -3.43 -4.49 1.23
CA SER A 122 -2.73 -5.54 0.52
C SER A 122 -3.01 -6.77 1.31
N ALA A 123 -2.91 -7.93 0.67
CA ALA A 123 -3.25 -9.20 1.30
C ALA A 123 -2.40 -10.31 0.74
N ARG A 124 -2.25 -11.40 1.53
CA ARG A 124 -1.51 -12.58 1.12
C ARG A 124 -2.20 -13.28 -0.12
N GLU A 125 -3.52 -13.17 -0.19
CA GLU A 125 -4.33 -13.71 -1.29
C GLU A 125 -5.03 -12.54 -2.08
N PRO A 126 -5.32 -12.68 -3.37
CA PRO A 126 -5.92 -11.56 -4.13
C PRO A 126 -7.03 -10.73 -3.52
N ASP A 127 -7.81 -11.31 -2.60
CA ASP A 127 -8.91 -10.65 -1.92
C ASP A 127 -8.92 -11.19 -0.53
N THR A 128 -9.44 -10.39 0.41
CA THR A 128 -9.61 -10.70 1.82
C THR A 128 -11.07 -10.35 2.30
N SER A 129 -11.47 -10.94 3.45
CA SER A 129 -12.77 -10.84 4.15
C SER A 129 -13.46 -9.48 4.08
N GLU A 130 -14.81 -9.49 3.98
CA GLU A 130 -15.70 -8.31 3.92
C GLU A 130 -15.56 -7.46 5.17
N GLU A 131 -15.32 -8.11 6.33
CA GLU A 131 -15.10 -7.42 7.60
C GLU A 131 -13.74 -6.73 7.60
N VAL A 132 -12.73 -7.33 6.93
CA VAL A 132 -11.39 -6.73 6.80
C VAL A 132 -11.49 -5.61 5.77
N ARG A 133 -12.34 -5.82 4.75
CA ARG A 133 -12.63 -4.84 3.73
C ARG A 133 -13.28 -3.63 4.45
N LYS A 134 -14.19 -3.90 5.42
CA LYS A 134 -14.88 -2.89 6.22
C LYS A 134 -13.93 -2.16 7.17
N ARG A 135 -13.06 -2.93 7.91
CA ARG A 135 -12.04 -2.47 8.85
C ARG A 135 -11.07 -1.44 8.20
N PHE A 136 -10.77 -1.59 6.92
CA PHE A 136 -9.96 -0.61 6.20
C PHE A 136 -10.74 0.69 6.11
N VAL A 137 -12.05 0.66 5.68
CA VAL A 137 -12.90 1.86 5.54
C VAL A 137 -13.01 2.62 6.89
N GLU A 138 -13.12 1.89 8.03
CA GLU A 138 -13.17 2.44 9.38
C GLU A 138 -11.87 3.20 9.70
N TYR A 139 -10.68 2.65 9.32
CA TYR A 139 -9.35 3.24 9.49
C TYR A 139 -9.17 4.44 8.59
N CYS A 140 -9.46 4.32 7.28
CA CYS A 140 -9.31 5.49 6.41
C CYS A 140 -10.46 6.53 6.59
N GLN A 141 -11.50 6.20 7.39
CA GLN A 141 -12.58 7.13 7.74
C GLN A 141 -12.00 8.15 8.76
N LYS A 142 -11.27 7.62 9.78
CA LYS A 142 -10.56 8.41 10.81
C LYS A 142 -9.56 9.39 10.14
N HIS A 143 -8.92 8.95 9.07
CA HIS A 143 -8.00 9.76 8.30
C HIS A 143 -8.75 10.69 7.33
N GLY A 144 -10.07 10.78 7.49
CA GLY A 144 -10.92 11.66 6.69
C GLY A 144 -11.15 11.27 5.24
N ILE A 145 -10.68 10.08 4.83
CA ILE A 145 -10.85 9.63 3.45
C ILE A 145 -12.25 9.02 3.38
N VAL A 146 -13.17 9.69 2.63
CA VAL A 146 -14.57 9.26 2.52
C VAL A 146 -14.72 8.00 1.67
N LYS A 147 -15.68 7.12 2.06
CA LYS A 147 -16.00 5.83 1.43
C LYS A 147 -16.16 5.90 -0.06
N GLU A 148 -16.65 7.06 -0.57
CA GLU A 148 -16.83 7.34 -2.00
C GLU A 148 -15.48 7.19 -2.72
N ASN A 149 -14.39 7.64 -2.08
CA ASN A 149 -13.07 7.59 -2.68
C ASN A 149 -12.20 6.37 -2.29
N ILE A 150 -12.84 5.24 -1.94
CA ILE A 150 -12.14 3.98 -1.67
C ILE A 150 -12.28 3.10 -2.94
N PHE A 151 -11.28 3.20 -3.85
CA PHE A 151 -11.27 2.43 -5.11
C PHE A 151 -10.90 0.97 -4.87
N ASP A 152 -11.56 0.11 -5.64
CA ASP A 152 -11.38 -1.34 -5.60
C ASP A 152 -10.40 -1.75 -6.67
N LEU A 153 -9.47 -2.63 -6.31
CA LEU A 153 -8.47 -3.11 -7.26
C LEU A 153 -8.77 -4.56 -7.71
N THR A 154 -9.61 -5.25 -6.90
CA THR A 154 -10.11 -6.60 -7.09
C THR A 154 -10.96 -6.67 -8.37
N GLU A 155 -11.63 -5.55 -8.69
CA GLU A 155 -12.50 -5.42 -9.84
C GLU A 155 -11.85 -4.60 -10.99
N VAL A 156 -10.53 -4.72 -11.16
CA VAL A 156 -9.71 -4.14 -12.26
C VAL A 156 -8.43 -4.95 -12.47
N ASP A 157 -7.72 -4.67 -13.59
CA ASP A 157 -6.49 -5.38 -13.94
C ASP A 157 -5.35 -4.89 -13.06
N ARG A 158 -4.89 -5.75 -12.17
CA ARG A 158 -3.83 -5.37 -11.24
C ARG A 158 -2.45 -5.92 -11.63
N CYS A 159 -2.24 -6.19 -12.96
CA CYS A 159 -0.99 -6.72 -13.54
C CYS A 159 -0.59 -8.10 -13.02
N LEU A 160 -1.60 -8.90 -12.67
CA LEU A 160 -1.52 -10.24 -12.09
C LEU A 160 -0.56 -11.11 -12.86
N GLN A 161 -0.69 -11.09 -14.19
CA GLN A 161 0.08 -11.82 -15.18
C GLN A 161 1.59 -11.71 -14.99
N ALA A 162 2.14 -10.48 -15.04
CA ALA A 162 3.57 -10.18 -14.98
C ALA A 162 4.30 -10.72 -13.75
N ARG A 163 3.53 -11.24 -12.78
CA ARG A 163 4.02 -11.80 -11.52
C ARG A 163 4.30 -13.31 -11.71
N GLY A 164 5.48 -13.80 -11.32
CA GLY A 164 6.58 -13.03 -10.73
C GLY A 164 6.56 -12.92 -9.21
C TRS B . 2.03 2.56 -1.54
C1 TRS B . 2.52 1.23 -0.92
C2 TRS B . 3.19 3.32 -2.21
C3 TRS B . 1.33 3.42 -0.49
N TRS B . 1.00 2.23 -2.59
O1 TRS B . 2.97 1.39 0.42
O2 TRS B . 3.68 2.67 -3.38
O3 TRS B . 0.05 2.92 -0.18
C TRS C . -2.30 -3.80 20.49
C1 TRS C . -3.48 -4.30 21.32
C2 TRS C . -0.98 -4.49 20.90
C3 TRS C . -2.15 -2.28 20.59
N TRS C . -2.57 -4.15 19.04
O1 TRS C . -3.43 -3.81 22.66
O2 TRS C . -0.90 -5.83 20.41
O3 TRS C . -3.29 -1.61 20.05
#